data_7WVA
#
_entry.id   7WVA
#
_cell.length_a   44.916
_cell.length_b   78.195
_cell.length_c   132.818
_cell.angle_alpha   90.000
_cell.angle_beta   90.000
_cell.angle_gamma   90.000
#
_symmetry.space_group_name_H-M   'P 21 21 21'
#
loop_
_entity.id
_entity.type
_entity.pdbx_description
1 polymer Cryptochrome-1
2 non-polymer 2-(1-methylbenzimidazol-2-yl)sulfanyl-N-[(E)-(2,3,4-trimethoxyphenyl)methylideneamino]ethanamide
3 water water
#
_entity_poly.entity_id   1
_entity_poly.type   'polypeptide(L)'
_entity_poly.pdbx_seq_one_letter_code
;GTMGVNAVHWFRKGLRLHDNPALKECIQGADTIRCVYILDPWFAGSSNVGINRWRFLLQCLEDLDANLRKLNSRLFVIRG
QPADVFPRLFKEWNITKLSIEYDSEPFGKERDAAIKKLATEAGVEVIVRISHTLYDLDKIIELNGGQPPLTYKRFQTLVS
KMEPLEMPADTITSDVIGKCMTPLSDDHDEKYGVPSLEELGFDTDGLSSAVWPGGETEALTRLERHLERKAWVANFERPR
MNANSLLASPTGLSPYLRFGCLSCRLFYFKLTDLYKKVKKNSSPPLSLYGQLLWREFFYTAATNNPRFDKMEGNPICVQI
PWDKNPEALAKWAEGRTGFPWIDAIMTQLRQEGWIHHLARHAVACFLTRGDLWISWEEGMKVFEELLLDADWSINAGSWM
WLSCSSFFQQFFHCYCPVGFGRRTDPNGDYIRRYLPVLRGFPAKYIYDPWNAPEGIQKVAKCLIGVNYPKPMVNHAEASR
LNIERMKQIYQQLSRYRG
;
_entity_poly.pdbx_strand_id   A
#
loop_
_chem_comp.id
_chem_comp.type
_chem_comp.name
_chem_comp.formula
6I3 non-polymer 2-(1-methylbenzimidazol-2-yl)sulfanyl-N-[(E)-(2,3,4-trimethoxyphenyl)methylideneamino]ethanamide 'C20 H22 N4 O4 S'
#
# COMPACT_ATOMS: atom_id res chain seq x y z
N GLY A 4 -35.55 8.61 16.01
CA GLY A 4 -35.20 9.21 14.74
C GLY A 4 -34.37 8.26 13.88
N VAL A 5 -33.85 8.77 12.77
CA VAL A 5 -33.02 7.97 11.87
C VAL A 5 -31.57 8.06 12.35
N ASN A 6 -31.02 6.93 12.77
CA ASN A 6 -29.67 6.86 13.33
C ASN A 6 -28.74 6.11 12.37
N ALA A 7 -27.71 6.80 11.90
CA ALA A 7 -26.84 6.31 10.86
C ALA A 7 -25.43 6.07 11.40
N VAL A 8 -24.75 5.08 10.82
CA VAL A 8 -23.36 4.79 11.10
C VAL A 8 -22.62 4.69 9.78
N HIS A 9 -21.52 5.43 9.64
CA HIS A 9 -20.60 5.23 8.55
C HIS A 9 -19.40 4.44 9.06
N TRP A 10 -19.13 3.30 8.41
CA TRP A 10 -18.05 2.40 8.82
C TRP A 10 -16.81 2.69 7.97
N PHE A 11 -15.80 3.29 8.61
CA PHE A 11 -14.50 3.53 7.99
C PHE A 11 -13.68 2.26 7.99
N ARG A 12 -13.07 1.91 6.85
CA ARG A 12 -12.07 0.86 6.78
C ARG A 12 -10.88 1.39 5.98
N LYS A 13 -11.04 1.46 4.66
CA LYS A 13 -10.26 2.40 3.88
C LYS A 13 -11.11 3.67 3.75
N GLY A 14 -10.90 4.46 2.71
CA GLY A 14 -11.66 5.71 2.64
C GLY A 14 -11.55 6.55 3.89
N LEU A 15 -10.36 6.59 4.50
CA LEU A 15 -10.16 7.31 5.77
C LEU A 15 -10.01 8.81 5.49
N ARG A 16 -11.13 9.42 5.12
CA ARG A 16 -11.16 10.81 4.67
C ARG A 16 -12.59 11.32 4.71
N LEU A 17 -12.73 12.64 4.73
CA LEU A 17 -14.02 13.30 4.60
C LEU A 17 -14.30 13.84 3.21
N HIS A 18 -13.25 14.17 2.44
CA HIS A 18 -13.46 14.54 1.05
C HIS A 18 -13.76 13.31 0.21
N ASP A 19 -14.35 13.55 -0.96
CA ASP A 19 -14.80 12.53 -1.91
C ASP A 19 -15.20 11.23 -1.22
N ASN A 20 -16.20 11.29 -0.36
CA ASN A 20 -16.68 10.15 0.42
C ASN A 20 -18.17 10.00 0.15
N PRO A 21 -18.54 9.47 -1.02
CA PRO A 21 -19.99 9.43 -1.36
C PRO A 21 -20.81 8.55 -0.43
N ALA A 22 -20.24 7.44 0.05
CA ALA A 22 -20.98 6.60 1.00
C ALA A 22 -21.36 7.39 2.24
N LEU A 23 -20.40 8.12 2.82
CA LEU A 23 -20.68 8.91 4.02
C LEU A 23 -21.63 10.07 3.72
N LYS A 24 -21.44 10.73 2.57
CA LYS A 24 -22.32 11.82 2.19
C LYS A 24 -23.75 11.34 2.03
N GLU A 25 -23.95 10.18 1.39
CA GLU A 25 -25.30 9.67 1.19
C GLU A 25 -25.92 9.20 2.50
N CYS A 26 -25.10 8.65 3.39
CA CYS A 26 -25.60 8.15 4.67
C CYS A 26 -26.12 9.28 5.55
N ILE A 27 -25.44 10.43 5.53
CA ILE A 27 -25.87 11.57 6.32
C ILE A 27 -27.16 12.16 5.80
N GLN A 28 -27.41 12.05 4.48
CA GLN A 28 -28.63 12.57 3.88
C GLN A 28 -29.87 11.92 4.49
N GLY A 29 -30.73 12.74 5.10
CA GLY A 29 -31.94 12.24 5.73
C GLY A 29 -31.74 11.51 7.04
N ALA A 30 -30.65 11.78 7.75
CA ALA A 30 -30.34 11.11 9.01
C ALA A 30 -30.41 12.09 10.17
N ASP A 31 -30.99 11.65 11.29
CA ASP A 31 -31.03 12.49 12.48
C ASP A 31 -29.74 12.41 13.28
N THR A 32 -29.09 11.25 13.31
CA THR A 32 -27.80 11.11 13.98
C THR A 32 -26.83 10.35 13.09
N ILE A 33 -25.56 10.70 13.20
CA ILE A 33 -24.48 10.04 12.49
C ILE A 33 -23.37 9.70 13.49
N ARG A 34 -22.86 8.48 13.42
CA ARG A 34 -21.64 8.11 14.11
C ARG A 34 -20.70 7.45 13.10
N CYS A 35 -19.48 7.96 13.02
CA CYS A 35 -18.44 7.32 12.21
C CYS A 35 -17.65 6.36 13.09
N VAL A 36 -17.54 5.11 12.66
CA VAL A 36 -16.87 4.10 13.47
C VAL A 36 -15.69 3.55 12.68
N TYR A 37 -14.61 3.27 13.39
CA TYR A 37 -13.55 2.40 12.91
C TYR A 37 -13.49 1.22 13.86
N ILE A 38 -13.58 0.01 13.31
CA ILE A 38 -13.57 -1.20 14.11
C ILE A 38 -12.13 -1.71 14.11
N LEU A 39 -11.50 -1.65 15.28
CA LEU A 39 -10.07 -1.97 15.43
C LEU A 39 -9.93 -3.29 16.16
N ASP A 40 -9.27 -4.24 15.52
CA ASP A 40 -8.92 -5.51 16.16
C ASP A 40 -7.41 -5.64 16.15
N PRO A 41 -6.71 -5.23 17.22
CA PRO A 41 -5.25 -5.31 17.22
C PRO A 41 -4.70 -6.70 17.45
N TRP A 42 -5.54 -7.70 17.71
CA TRP A 42 -5.08 -9.04 18.02
C TRP A 42 -5.56 -10.09 17.02
N PHE A 43 -6.07 -9.67 15.87
CA PHE A 43 -6.54 -10.61 14.87
C PHE A 43 -5.36 -11.32 14.17
N VAL A 49 1.56 -7.60 10.96
CA VAL A 49 1.46 -6.16 10.75
C VAL A 49 2.54 -5.42 11.56
N GLY A 50 3.46 -4.77 10.84
CA GLY A 50 4.55 -4.08 11.49
C GLY A 50 4.11 -2.79 12.16
N ILE A 51 5.01 -2.21 12.94
CA ILE A 51 4.59 -1.11 13.79
C ILE A 51 4.34 0.16 12.98
N ASN A 52 5.05 0.35 11.85
CA ASN A 52 4.84 1.52 11.01
C ASN A 52 3.45 1.52 10.37
N ARG A 53 2.91 0.34 10.04
CA ARG A 53 1.52 0.27 9.59
C ARG A 53 0.55 0.66 10.69
N TRP A 54 0.74 0.13 11.90
CA TRP A 54 -0.12 0.51 13.01
C TRP A 54 -0.06 2.01 13.26
N ARG A 55 1.15 2.57 13.30
CA ARG A 55 1.28 4.00 13.55
C ARG A 55 0.60 4.83 12.48
N PHE A 56 0.82 4.48 11.21
CA PHE A 56 0.18 5.21 10.13
C PHE A 56 -1.34 5.18 10.28
N LEU A 57 -1.89 4.01 10.58
CA LEU A 57 -3.33 3.87 10.76
C LEU A 57 -3.84 4.75 11.90
N LEU A 58 -3.23 4.60 13.08
CA LEU A 58 -3.61 5.41 14.25
C LEU A 58 -3.54 6.90 13.93
N GLN A 59 -2.51 7.32 13.22
CA GLN A 59 -2.44 8.73 12.84
C GLN A 59 -3.57 9.09 11.87
N CYS A 60 -3.93 8.17 10.96
CA CYS A 60 -5.09 8.41 10.10
C CYS A 60 -6.35 8.62 10.93
N LEU A 61 -6.54 7.80 11.98
CA LEU A 61 -7.73 7.91 12.83
C LEU A 61 -7.70 9.19 13.67
N GLU A 62 -6.53 9.54 14.21
CA GLU A 62 -6.42 10.81 14.94
C GLU A 62 -6.80 11.97 14.03
N ASP A 63 -6.32 11.97 12.79
CA ASP A 63 -6.65 13.04 11.85
C ASP A 63 -8.17 13.06 11.59
N LEU A 64 -8.74 11.90 11.27
CA LEU A 64 -10.18 11.80 11.09
C LEU A 64 -10.94 12.32 12.30
N ASP A 65 -10.48 11.97 13.51
CA ASP A 65 -11.15 12.41 14.72
C ASP A 65 -11.08 13.93 14.85
N ALA A 66 -9.89 14.50 14.60
CA ALA A 66 -9.72 15.94 14.64
C ALA A 66 -10.58 16.63 13.58
N ASN A 67 -10.66 16.05 12.37
CA ASN A 67 -11.46 16.70 11.35
C ASN A 67 -12.95 16.54 11.63
N LEU A 68 -13.34 15.42 12.24
CA LEU A 68 -14.72 15.25 12.66
C LEU A 68 -15.08 16.24 13.77
N ARG A 69 -14.12 16.61 14.63
CA ARG A 69 -14.42 17.59 15.67
C ARG A 69 -14.95 18.87 15.07
N LYS A 70 -14.41 19.25 13.91
CA LYS A 70 -14.82 20.50 13.26
C LYS A 70 -16.29 20.49 12.93
N LEU A 71 -16.91 19.30 12.82
CA LEU A 71 -18.32 19.14 12.52
C LEU A 71 -19.13 18.76 13.75
N ASN A 72 -18.64 19.10 14.94
CA ASN A 72 -19.31 18.74 16.19
C ASN A 72 -19.48 17.24 16.31
N SER A 73 -18.53 16.48 15.80
CA SER A 73 -18.59 15.03 15.87
C SER A 73 -17.25 14.50 16.38
N ARG A 74 -17.15 13.18 16.48
CA ARG A 74 -15.92 12.50 16.86
C ARG A 74 -15.90 11.17 16.12
N LEU A 75 -14.70 10.62 15.98
CA LEU A 75 -14.58 9.23 15.52
C LEU A 75 -14.86 8.30 16.70
N PHE A 76 -15.64 7.24 16.46
CA PHE A 76 -15.86 6.19 17.46
C PHE A 76 -14.96 5.01 17.08
N VAL A 77 -13.93 4.76 17.86
CA VAL A 77 -13.04 3.62 17.64
C VAL A 77 -13.50 2.48 18.52
N ILE A 78 -13.94 1.39 17.91
CA ILE A 78 -14.53 0.26 18.62
C ILE A 78 -13.63 -0.95 18.46
N ARG A 79 -13.36 -1.63 19.58
CA ARG A 79 -12.50 -2.81 19.60
C ARG A 79 -13.30 -4.06 19.26
N GLY A 80 -12.72 -4.92 18.44
CA GLY A 80 -13.35 -6.20 18.18
C GLY A 80 -13.44 -6.48 16.70
N GLN A 81 -14.31 -7.42 16.37
CA GLN A 81 -14.49 -7.85 15.00
C GLN A 81 -15.86 -7.42 14.49
N PRO A 82 -15.95 -6.98 13.24
CA PRO A 82 -17.23 -6.45 12.73
C PRO A 82 -18.42 -7.38 12.91
N ALA A 83 -18.24 -8.70 12.74
CA ALA A 83 -19.37 -9.61 12.87
C ALA A 83 -19.89 -9.69 14.29
N ASP A 84 -19.05 -9.46 15.29
CA ASP A 84 -19.51 -9.48 16.67
C ASP A 84 -19.99 -8.12 17.16
N VAL A 85 -19.45 -7.04 16.61
CA VAL A 85 -19.70 -5.70 17.15
C VAL A 85 -20.97 -5.08 16.58
N PHE A 86 -21.24 -5.28 15.30
CA PHE A 86 -22.34 -4.56 14.66
C PHE A 86 -23.72 -4.96 15.18
N PRO A 87 -24.00 -6.24 15.44
CA PRO A 87 -25.28 -6.56 16.09
C PRO A 87 -25.50 -5.80 17.39
N ARG A 88 -24.47 -5.69 18.24
CA ARG A 88 -24.65 -4.96 19.49
C ARG A 88 -24.79 -3.47 19.24
N LEU A 89 -24.06 -2.92 18.27
CA LEU A 89 -24.21 -1.51 17.95
C LEU A 89 -25.58 -1.20 17.39
N PHE A 90 -26.08 -2.04 16.48
CA PHE A 90 -27.41 -1.83 15.91
C PHE A 90 -28.46 -1.71 17.00
N LYS A 91 -28.36 -2.53 18.05
CA LYS A 91 -29.33 -2.47 19.13
C LYS A 91 -29.08 -1.29 20.04
N GLU A 92 -27.84 -1.17 20.54
CA GLU A 92 -27.54 -0.15 21.55
C GLU A 92 -27.67 1.26 20.99
N TRP A 93 -27.51 1.43 19.68
CA TRP A 93 -27.64 2.75 19.07
C TRP A 93 -28.92 2.90 18.24
N ASN A 94 -29.72 1.85 18.06
CA ASN A 94 -30.91 1.87 17.22
C ASN A 94 -30.60 2.36 15.81
N ILE A 95 -29.71 1.64 15.13
CA ILE A 95 -29.20 1.99 13.81
C ILE A 95 -30.15 1.47 12.75
N THR A 96 -30.45 2.30 11.74
CA THR A 96 -31.18 1.81 10.58
C THR A 96 -30.48 2.09 9.25
N LYS A 97 -29.34 2.79 9.27
CA LYS A 97 -28.53 3.02 8.07
C LYS A 97 -27.07 2.77 8.41
N LEU A 98 -26.38 2.03 7.55
CA LEU A 98 -24.95 1.76 7.69
C LEU A 98 -24.31 1.92 6.31
N SER A 99 -23.27 2.76 6.21
CA SER A 99 -22.60 2.98 4.93
C SER A 99 -21.15 2.49 4.96
N ILE A 100 -20.68 2.07 3.80
CA ILE A 100 -19.29 1.68 3.61
C ILE A 100 -18.85 2.13 2.23
N GLU A 101 -17.57 2.45 2.11
CA GLU A 101 -16.93 2.41 0.81
C GLU A 101 -16.78 0.95 0.37
N TYR A 102 -17.13 0.67 -0.89
CA TYR A 102 -16.99 -0.68 -1.42
C TYR A 102 -15.54 -1.16 -1.34
N ASP A 103 -15.37 -2.44 -0.99
CA ASP A 103 -14.05 -3.09 -0.95
C ASP A 103 -14.09 -4.22 -1.97
N SER A 104 -13.29 -4.10 -3.02
CA SER A 104 -13.27 -5.07 -4.10
C SER A 104 -12.45 -6.31 -3.76
N GLU A 105 -11.73 -6.30 -2.68
CA GLU A 105 -10.83 -7.43 -2.46
C GLU A 105 -11.61 -8.65 -1.96
N PRO A 106 -11.25 -9.85 -2.42
CA PRO A 106 -12.06 -11.04 -2.10
C PRO A 106 -12.46 -11.19 -0.64
N PHE A 107 -11.52 -11.09 0.29
CA PHE A 107 -11.88 -11.30 1.70
C PHE A 107 -12.68 -10.13 2.25
N GLY A 108 -12.48 -8.93 1.71
CA GLY A 108 -13.34 -7.81 2.04
C GLY A 108 -14.78 -8.02 1.58
N LYS A 109 -14.95 -8.43 0.31
CA LYS A 109 -16.29 -8.70 -0.20
C LYS A 109 -16.99 -9.76 0.64
N GLU A 110 -16.26 -10.78 1.08
CA GLU A 110 -16.87 -11.83 1.87
C GLU A 110 -17.30 -11.31 3.24
N ARG A 111 -16.41 -10.54 3.89
CA ARG A 111 -16.74 -9.89 5.15
C ARG A 111 -17.98 -9.03 5.01
N ASP A 112 -18.02 -8.18 3.98
CA ASP A 112 -19.11 -7.24 3.81
C ASP A 112 -20.42 -7.93 3.46
N ALA A 113 -20.36 -9.06 2.76
CA ALA A 113 -21.58 -9.83 2.51
C ALA A 113 -22.14 -10.36 3.82
N ALA A 114 -21.26 -10.84 4.71
CA ALA A 114 -21.70 -11.29 6.03
C ALA A 114 -22.33 -10.17 6.81
N ILE A 115 -21.74 -8.95 6.76
CA ILE A 115 -22.27 -7.83 7.52
C ILE A 115 -23.59 -7.37 6.93
N LYS A 116 -23.72 -7.41 5.61
CA LYS A 116 -24.96 -6.99 4.98
C LYS A 116 -26.12 -7.89 5.38
N LYS A 117 -25.84 -9.17 5.64
CA LYS A 117 -26.88 -10.09 6.09
C LYS A 117 -27.31 -9.77 7.50
N LEU A 118 -26.35 -9.42 8.37
CA LEU A 118 -26.71 -8.99 9.71
C LEU A 118 -27.53 -7.71 9.67
N ALA A 119 -27.10 -6.75 8.85
CA ALA A 119 -27.84 -5.50 8.71
C ALA A 119 -29.24 -5.72 8.14
N THR A 120 -29.36 -6.64 7.17
CA THR A 120 -30.69 -7.00 6.65
C THR A 120 -31.57 -7.60 7.75
N GLU A 121 -31.01 -8.49 8.56
CA GLU A 121 -31.79 -9.14 9.62
C GLU A 121 -32.20 -8.16 10.71
N ALA A 122 -31.47 -7.08 10.89
CA ALA A 122 -31.75 -6.09 11.92
C ALA A 122 -32.54 -4.90 11.40
N GLY A 123 -32.89 -4.87 10.13
CA GLY A 123 -33.63 -3.75 9.58
C GLY A 123 -32.78 -2.54 9.31
N VAL A 124 -31.54 -2.73 8.86
CA VAL A 124 -30.60 -1.65 8.62
C VAL A 124 -30.32 -1.60 7.12
N GLU A 125 -30.50 -0.41 6.53
CA GLU A 125 -30.17 -0.22 5.13
C GLU A 125 -28.66 -0.10 4.95
N VAL A 126 -28.10 -0.84 4.00
CA VAL A 126 -26.66 -0.76 3.74
C VAL A 126 -26.45 0.07 2.50
N ILE A 127 -25.75 1.19 2.65
CA ILE A 127 -25.33 2.05 1.56
C ILE A 127 -23.89 1.70 1.21
N VAL A 128 -23.65 1.25 -0.01
CA VAL A 128 -22.30 0.95 -0.49
C VAL A 128 -22.02 1.88 -1.67
N ARG A 129 -20.88 2.55 -1.64
CA ARG A 129 -20.47 3.38 -2.76
C ARG A 129 -19.03 3.05 -3.13
N ILE A 130 -18.75 3.11 -4.43
CA ILE A 130 -17.41 2.89 -4.95
C ILE A 130 -16.65 4.21 -4.88
N SER A 131 -15.50 4.20 -4.21
CA SER A 131 -14.64 5.38 -4.25
C SER A 131 -13.21 5.06 -3.81
N HIS A 132 -12.87 3.78 -3.60
CA HIS A 132 -11.47 3.43 -3.44
C HIS A 132 -10.79 3.23 -4.80
N THR A 133 -11.54 3.01 -5.85
CA THR A 133 -10.99 2.88 -7.19
C THR A 133 -11.62 3.94 -8.09
N LEU A 134 -11.01 4.15 -9.25
CA LEU A 134 -11.57 5.09 -10.23
C LEU A 134 -12.83 4.52 -10.87
N TYR A 135 -12.88 3.21 -11.08
CA TYR A 135 -13.94 2.60 -11.85
C TYR A 135 -14.70 1.57 -11.03
N ASP A 136 -15.87 1.23 -11.52
CA ASP A 136 -16.56 0.02 -11.10
C ASP A 136 -15.82 -1.14 -11.75
N LEU A 137 -15.01 -1.85 -10.96
CA LEU A 137 -14.20 -2.92 -11.52
C LEU A 137 -15.05 -3.99 -12.17
N ASP A 138 -16.25 -4.24 -11.62
CA ASP A 138 -17.12 -5.24 -12.24
C ASP A 138 -17.51 -4.83 -13.66
N LYS A 139 -17.64 -3.53 -13.93
CA LYS A 139 -18.01 -3.11 -15.28
C LYS A 139 -16.84 -3.26 -16.26
N ILE A 140 -15.61 -3.01 -15.79
CA ILE A 140 -14.44 -3.32 -16.60
C ILE A 140 -14.41 -4.81 -16.95
N ILE A 141 -14.68 -5.65 -15.96
CA ILE A 141 -14.67 -7.09 -16.18
C ILE A 141 -15.78 -7.49 -17.15
N GLU A 142 -16.93 -6.84 -17.07
CA GLU A 142 -18.00 -7.10 -18.04
C GLU A 142 -17.57 -6.65 -19.45
N LEU A 143 -16.92 -5.48 -19.56
CA LEU A 143 -16.49 -4.98 -20.86
C LEU A 143 -15.44 -5.89 -21.51
N ASN A 144 -14.63 -6.58 -20.71
CA ASN A 144 -13.69 -7.55 -21.26
C ASN A 144 -14.28 -8.95 -21.44
N GLY A 145 -15.53 -9.15 -21.04
CA GLY A 145 -16.23 -10.40 -21.26
C GLY A 145 -16.45 -11.29 -20.05
N GLY A 146 -16.33 -10.77 -18.84
CA GLY A 146 -16.47 -11.57 -17.64
C GLY A 146 -15.16 -12.00 -17.01
N GLN A 147 -14.02 -11.75 -17.68
CA GLN A 147 -12.71 -12.02 -17.11
C GLN A 147 -11.88 -10.75 -17.04
N PRO A 148 -11.07 -10.58 -15.99
CA PRO A 148 -10.19 -9.40 -15.91
C PRO A 148 -9.16 -9.43 -17.04
N PRO A 149 -8.82 -8.27 -17.59
CA PRO A 149 -7.67 -8.22 -18.50
C PRO A 149 -6.41 -8.63 -17.74
N LEU A 150 -5.65 -9.55 -18.31
CA LEU A 150 -4.47 -10.06 -17.65
C LEU A 150 -3.19 -9.42 -18.17
N THR A 151 -3.28 -8.36 -18.96
CA THR A 151 -2.14 -7.53 -19.33
C THR A 151 -2.50 -6.08 -19.13
N TYR A 152 -1.49 -5.26 -18.84
CA TYR A 152 -1.74 -3.85 -18.59
C TYR A 152 -2.21 -3.14 -19.86
N LYS A 153 -1.59 -3.46 -21.00
CA LYS A 153 -1.97 -2.84 -22.26
C LYS A 153 -3.44 -3.10 -22.59
N ARG A 154 -3.91 -4.32 -22.34
CA ARG A 154 -5.33 -4.61 -22.56
C ARG A 154 -6.20 -3.87 -21.55
N PHE A 155 -5.71 -3.70 -20.33
CA PHE A 155 -6.44 -2.93 -19.33
C PHE A 155 -6.61 -1.48 -19.78
N GLN A 156 -5.52 -0.89 -20.31
CA GLN A 156 -5.60 0.49 -20.76
C GLN A 156 -6.59 0.66 -21.91
N THR A 157 -6.63 -0.31 -22.82
CA THR A 157 -7.60 -0.24 -23.92
C THR A 157 -9.03 -0.27 -23.40
N LEU A 158 -9.31 -1.19 -22.46
CA LEU A 158 -10.64 -1.25 -21.87
C LEU A 158 -10.98 0.07 -21.18
N VAL A 159 -10.04 0.60 -20.39
CA VAL A 159 -10.33 1.79 -19.60
C VAL A 159 -10.55 3.01 -20.49
N SER A 160 -9.80 3.14 -21.58
CA SER A 160 -9.96 4.29 -22.45
C SER A 160 -11.32 4.32 -23.14
N LYS A 161 -12.06 3.21 -23.14
CA LYS A 161 -13.40 3.16 -23.71
C LYS A 161 -14.49 3.34 -22.66
N MET A 162 -14.14 3.51 -21.39
CA MET A 162 -15.14 3.63 -20.34
C MET A 162 -15.73 5.03 -20.30
N GLU A 163 -16.94 5.15 -19.74
CA GLU A 163 -17.58 6.44 -19.59
C GLU A 163 -16.75 7.34 -18.68
N PRO A 164 -16.71 8.64 -18.94
CA PRO A 164 -15.82 9.53 -18.17
C PRO A 164 -16.20 9.55 -16.70
N LEU A 165 -15.18 9.76 -15.85
CA LEU A 165 -15.41 9.77 -14.41
C LEU A 165 -16.24 10.97 -14.01
N GLU A 166 -17.20 10.75 -13.10
CA GLU A 166 -17.98 11.85 -12.56
C GLU A 166 -17.16 12.58 -11.50
N MET A 167 -17.59 13.79 -11.17
CA MET A 167 -16.88 14.60 -10.21
C MET A 167 -16.82 13.88 -8.85
N PRO A 168 -15.76 14.12 -8.09
CA PRO A 168 -15.72 13.58 -6.73
C PRO A 168 -16.84 14.20 -5.90
N ALA A 169 -17.30 13.46 -4.90
CA ALA A 169 -18.38 13.95 -4.05
C ALA A 169 -17.91 15.15 -3.23
N ASP A 170 -18.85 16.06 -2.95
CA ASP A 170 -18.57 17.20 -2.08
C ASP A 170 -18.03 16.75 -0.72
N THR A 171 -17.07 17.50 -0.20
CA THR A 171 -16.52 17.23 1.12
C THR A 171 -17.59 17.46 2.19
N ILE A 172 -17.58 16.62 3.23
CA ILE A 172 -18.57 16.79 4.29
C ILE A 172 -18.26 18.10 5.01
N THR A 173 -19.23 19.02 5.00
CA THR A 173 -19.16 20.29 5.69
C THR A 173 -20.38 20.45 6.59
N SER A 174 -20.43 21.56 7.31
CA SER A 174 -21.56 21.78 8.21
C SER A 174 -22.86 21.91 7.43
N ASP A 175 -22.82 22.58 6.28
CA ASP A 175 -24.01 22.70 5.45
C ASP A 175 -24.49 21.34 4.95
N VAL A 176 -23.59 20.36 4.86
CA VAL A 176 -23.98 19.01 4.44
C VAL A 176 -24.54 18.23 5.63
N ILE A 177 -23.82 18.24 6.75
CA ILE A 177 -24.27 17.63 8.00
C ILE A 177 -25.67 18.12 8.37
N GLY A 178 -25.88 19.44 8.36
CA GLY A 178 -27.22 19.97 8.56
C GLY A 178 -27.77 19.69 9.95
N LYS A 179 -28.98 19.11 9.98
CA LYS A 179 -29.63 18.78 11.23
C LYS A 179 -29.05 17.52 11.87
N CYS A 180 -28.29 16.74 11.11
CA CYS A 180 -27.73 15.50 11.62
C CYS A 180 -26.72 15.80 12.71
N MET A 181 -26.92 15.22 13.89
CA MET A 181 -26.03 15.48 15.01
C MET A 181 -25.35 14.18 15.45
N THR A 182 -24.29 14.32 16.23
CA THR A 182 -23.63 13.15 16.79
C THR A 182 -23.79 13.16 18.30
N PRO A 183 -24.49 12.16 18.86
CA PRO A 183 -24.60 12.08 20.32
C PRO A 183 -23.25 11.73 20.93
N LEU A 184 -22.79 12.58 21.84
CA LEU A 184 -21.47 12.41 22.44
C LEU A 184 -21.62 12.42 23.95
N SER A 185 -20.99 11.45 24.61
CA SER A 185 -20.88 11.47 26.06
C SER A 185 -19.56 12.15 26.46
N ASP A 186 -19.50 12.60 27.72
CA ASP A 186 -18.32 13.29 28.21
C ASP A 186 -17.11 12.36 28.35
N ASP A 187 -17.32 11.06 28.50
CA ASP A 187 -16.24 10.08 28.59
C ASP A 187 -15.91 9.46 27.24
N HIS A 188 -16.13 10.21 26.15
CA HIS A 188 -15.95 9.63 24.82
C HIS A 188 -14.55 9.07 24.66
N ASP A 189 -13.54 9.81 25.09
CA ASP A 189 -12.16 9.38 24.92
C ASP A 189 -11.89 8.06 25.64
N GLU A 190 -12.37 7.92 26.88
CA GLU A 190 -12.11 6.70 27.64
C GLU A 190 -12.65 5.47 26.93
N LYS A 191 -13.77 5.60 26.22
CA LYS A 191 -14.50 4.46 25.67
C LYS A 191 -14.31 4.29 24.18
N TYR A 192 -14.18 5.39 23.42
CA TYR A 192 -14.13 5.35 21.97
C TYR A 192 -12.89 6.02 21.39
N GLY A 193 -11.95 6.47 22.22
CA GLY A 193 -10.84 7.26 21.73
C GLY A 193 -9.86 6.44 20.90
N VAL A 194 -9.04 7.17 20.14
CA VAL A 194 -8.01 6.54 19.32
C VAL A 194 -6.90 6.08 20.26
N PRO A 195 -6.55 4.80 20.28
CA PRO A 195 -5.45 4.34 21.14
C PRO A 195 -4.08 4.74 20.60
N SER A 196 -3.11 4.72 21.51
CA SER A 196 -1.72 4.89 21.16
C SER A 196 -1.11 3.52 20.85
N LEU A 197 0.10 3.53 20.27
CA LEU A 197 0.80 2.28 20.02
C LEU A 197 1.02 1.52 21.31
N GLU A 198 1.28 2.23 22.41
CA GLU A 198 1.52 1.57 23.69
C GLU A 198 0.27 0.85 24.18
N GLU A 199 -0.91 1.46 23.97
CA GLU A 199 -2.14 0.86 24.43
C GLU A 199 -2.57 -0.33 23.57
N LEU A 200 -2.00 -0.45 22.37
CA LEU A 200 -2.08 -1.69 21.61
C LEU A 200 -1.02 -2.69 22.03
N GLY A 201 -0.17 -2.34 23.00
CA GLY A 201 0.83 -3.25 23.53
C GLY A 201 2.26 -3.11 23.01
N PHE A 202 2.56 -2.14 22.16
CA PHE A 202 3.90 -2.05 21.55
C PHE A 202 4.83 -1.17 22.35
N ASP A 203 6.08 -1.61 22.49
CA ASP A 203 7.14 -0.71 22.92
C ASP A 203 7.43 0.30 21.82
N THR A 204 7.56 1.58 22.20
CA THR A 204 7.85 2.66 21.27
C THR A 204 9.18 3.35 21.58
N ASP A 205 10.05 2.74 22.40
CA ASP A 205 11.28 3.41 22.80
C ASP A 205 12.23 3.62 21.63
N GLY A 206 12.17 2.75 20.62
CA GLY A 206 13.06 2.91 19.48
C GLY A 206 12.54 3.78 18.37
N LEU A 207 11.27 4.18 18.44
CA LEU A 207 10.65 4.88 17.33
C LEU A 207 11.06 6.35 17.31
N SER A 208 11.30 6.87 16.11
CA SER A 208 11.50 8.28 15.89
C SER A 208 10.26 8.86 15.22
N SER A 209 10.31 10.16 14.93
CA SER A 209 9.21 10.81 14.24
C SER A 209 8.92 10.10 12.91
N ALA A 210 7.64 9.88 12.62
CA ALA A 210 7.27 9.12 11.43
C ALA A 210 7.69 9.87 10.16
N VAL A 211 8.39 9.16 9.27
CA VAL A 211 8.73 9.72 7.96
C VAL A 211 7.47 9.90 7.09
N TRP A 212 6.45 9.07 7.29
CA TRP A 212 5.19 9.15 6.55
C TRP A 212 4.05 9.39 7.53
N PRO A 213 3.77 10.65 7.88
CA PRO A 213 2.67 10.93 8.83
C PRO A 213 1.33 10.53 8.22
N GLY A 214 0.52 9.82 9.00
CA GLY A 214 -0.78 9.42 8.50
C GLY A 214 -1.77 10.56 8.42
N GLY A 215 -2.78 10.39 7.58
CA GLY A 215 -3.94 11.25 7.63
C GLY A 215 -4.32 11.98 6.35
N GLU A 216 -5.61 12.33 6.24
CA GLU A 216 -6.12 13.11 5.13
C GLU A 216 -5.48 14.49 5.06
N THR A 217 -5.31 15.15 6.22
CA THR A 217 -4.70 16.47 6.24
C THR A 217 -3.32 16.44 5.61
N GLU A 218 -2.49 15.49 6.04
CA GLU A 218 -1.19 15.33 5.41
C GLU A 218 -1.32 15.04 3.92
N ALA A 219 -2.24 14.14 3.55
CA ALA A 219 -2.42 13.77 2.15
C ALA A 219 -2.77 14.98 1.26
N LEU A 220 -3.64 15.86 1.74
CA LEU A 220 -4.06 16.99 0.91
C LEU A 220 -2.95 18.02 0.79
N THR A 221 -2.11 18.15 1.82
CA THR A 221 -0.92 18.98 1.70
C THR A 221 0.04 18.39 0.69
N ARG A 222 0.26 17.08 0.75
CA ARG A 222 1.21 16.44 -0.16
C ARG A 222 0.72 16.50 -1.61
N LEU A 223 -0.59 16.31 -1.82
CA LEU A 223 -1.17 16.38 -3.16
C LEU A 223 -0.84 17.71 -3.82
N GLU A 224 -0.99 18.80 -3.09
CA GLU A 224 -0.66 20.12 -3.61
C GLU A 224 0.81 20.20 -4.01
N ARG A 225 1.71 19.69 -3.15
CA ARG A 225 3.14 19.70 -3.45
C ARG A 225 3.46 18.80 -4.64
N HIS A 226 2.83 17.63 -4.68
CA HIS A 226 3.03 16.69 -5.76
C HIS A 226 2.73 17.34 -7.10
N LEU A 227 1.62 18.07 -7.18
CA LEU A 227 1.21 18.66 -8.45
C LEU A 227 2.16 19.78 -8.86
N GLU A 228 2.64 20.57 -7.90
CA GLU A 228 3.63 21.60 -8.21
C GLU A 228 4.89 20.99 -8.81
N ARG A 229 5.41 19.92 -8.19
CA ARG A 229 6.59 19.24 -8.73
C ARG A 229 6.34 18.79 -10.17
N LYS A 230 5.19 18.19 -10.43
CA LYS A 230 4.86 17.79 -11.79
C LYS A 230 4.69 18.97 -12.74
N ALA A 231 4.35 20.15 -12.21
CA ALA A 231 4.16 21.33 -13.05
C ALA A 231 5.43 22.13 -13.27
N TRP A 232 6.40 22.03 -12.36
CA TRP A 232 7.69 22.68 -12.58
C TRP A 232 8.68 21.65 -13.12
N ASN A 235 7.68 17.67 -16.14
CA ASN A 235 6.97 16.87 -17.14
C ASN A 235 5.73 16.20 -16.59
N PHE A 236 4.99 15.56 -17.48
CA PHE A 236 3.96 14.61 -17.10
C PHE A 236 4.31 13.19 -17.54
N GLU A 237 5.52 13.00 -18.04
CA GLU A 237 6.09 11.69 -18.34
C GLU A 237 6.66 11.06 -17.07
N ARG A 238 6.88 9.74 -17.13
CA ARG A 238 7.36 9.01 -15.96
C ARG A 238 8.75 9.49 -15.57
N PRO A 239 8.96 9.90 -14.32
CA PRO A 239 10.26 10.45 -13.92
C PRO A 239 11.35 9.38 -13.95
N ARG A 240 12.57 9.87 -13.95
CA ARG A 240 13.76 9.02 -13.94
C ARG A 240 14.33 8.96 -12.53
N MET A 241 14.68 7.76 -12.08
CA MET A 241 15.19 7.59 -10.73
C MET A 241 16.64 8.00 -10.62
N ASN A 242 16.96 8.83 -9.63
CA ASN A 242 18.36 9.05 -9.25
C ASN A 242 18.52 8.68 -7.77
N ALA A 243 19.70 8.97 -7.23
CA ALA A 243 19.96 8.62 -5.84
C ALA A 243 18.97 9.31 -4.90
N ASN A 244 18.67 10.58 -5.17
CA ASN A 244 17.74 11.30 -4.32
C ASN A 244 16.35 10.67 -4.34
N SER A 245 15.95 10.06 -5.47
CA SER A 245 14.65 9.39 -5.55
C SER A 245 14.49 8.28 -4.52
N LEU A 246 15.59 7.70 -4.03
CA LEU A 246 15.49 6.62 -3.05
C LEU A 246 14.96 7.09 -1.71
N LEU A 247 15.14 8.37 -1.39
CA LEU A 247 14.70 8.91 -0.12
C LEU A 247 13.21 9.19 -0.17
N ALA A 248 12.55 8.98 0.96
CA ALA A 248 11.14 9.32 1.09
C ALA A 248 10.91 10.78 0.68
N SER A 249 9.90 10.99 -0.15
CA SER A 249 9.67 12.32 -0.69
C SER A 249 8.50 13.00 0.01
N PRO A 250 8.63 14.30 0.29
CA PRO A 250 7.47 15.08 0.77
C PRO A 250 6.30 15.13 -0.22
N THR A 251 6.51 14.73 -1.47
CA THR A 251 5.47 14.66 -2.49
C THR A 251 4.89 13.27 -2.64
N GLY A 252 5.37 12.28 -1.89
CA GLY A 252 4.90 10.93 -2.07
C GLY A 252 3.44 10.79 -1.64
N LEU A 253 2.66 10.10 -2.45
CA LEU A 253 1.24 9.93 -2.18
C LEU A 253 0.81 8.48 -1.96
N SER A 254 1.68 7.51 -2.23
CA SER A 254 1.22 6.13 -2.31
C SER A 254 0.65 5.61 -0.99
N PRO A 255 1.20 5.90 0.19
CA PRO A 255 0.56 5.35 1.40
C PRO A 255 -0.81 5.96 1.63
N TYR A 256 -0.98 7.23 1.24
CA TYR A 256 -2.25 7.94 1.42
C TYR A 256 -3.32 7.38 0.50
N LEU A 257 -2.94 7.01 -0.72
CA LEU A 257 -3.90 6.36 -1.62
C LEU A 257 -4.29 4.98 -1.09
N ARG A 258 -3.34 4.27 -0.47
CA ARG A 258 -3.62 2.91 0.01
C ARG A 258 -4.61 2.93 1.18
N PHE A 259 -4.44 3.87 2.12
CA PHE A 259 -5.36 4.01 3.24
C PHE A 259 -6.62 4.81 2.91
N GLY A 260 -6.71 5.40 1.72
CA GLY A 260 -7.84 6.24 1.39
C GLY A 260 -7.80 7.63 1.98
N CYS A 261 -6.69 8.04 2.61
CA CYS A 261 -6.50 9.44 3.03
C CYS A 261 -6.58 10.41 1.85
N LEU A 262 -6.20 9.96 0.65
CA LEU A 262 -6.34 10.74 -0.57
C LEU A 262 -7.25 9.97 -1.51
N SER A 263 -8.28 10.63 -2.02
CA SER A 263 -9.14 10.00 -3.01
C SER A 263 -8.39 9.83 -4.33
N CYS A 264 -8.46 8.63 -4.91
CA CYS A 264 -7.87 8.44 -6.23
C CYS A 264 -8.59 9.28 -7.28
N ARG A 265 -9.89 9.53 -7.09
CA ARG A 265 -10.65 10.32 -8.06
C ARG A 265 -10.30 11.81 -7.96
N LEU A 266 -10.09 12.33 -6.75
CA LEU A 266 -9.65 13.71 -6.64
C LEU A 266 -8.26 13.87 -7.24
N PHE A 267 -7.37 12.90 -6.99
CA PHE A 267 -6.05 12.91 -7.60
C PHE A 267 -6.17 12.93 -9.12
N TYR A 268 -7.02 12.05 -9.67
CA TYR A 268 -7.24 11.99 -11.11
C TYR A 268 -7.68 13.35 -11.66
N PHE A 269 -8.64 14.01 -11.01
CA PHE A 269 -9.15 15.28 -11.52
C PHE A 269 -8.11 16.40 -11.43
N LYS A 270 -7.35 16.45 -10.32
CA LYS A 270 -6.33 17.48 -10.19
C LYS A 270 -5.21 17.28 -11.20
N LEU A 271 -4.78 16.04 -11.43
CA LEU A 271 -3.79 15.76 -12.47
C LEU A 271 -4.30 16.20 -13.83
N THR A 272 -5.56 15.84 -14.14
CA THR A 272 -6.13 16.19 -15.43
C THR A 272 -6.18 17.71 -15.60
N ASP A 273 -6.53 18.41 -14.53
CA ASP A 273 -6.63 19.87 -14.62
C ASP A 273 -5.27 20.48 -14.82
N LEU A 274 -4.26 19.98 -14.11
CA LEU A 274 -2.90 20.46 -14.30
C LEU A 274 -2.40 20.18 -15.71
N TYR A 275 -2.63 18.96 -16.22
CA TYR A 275 -2.23 18.65 -17.58
C TYR A 275 -2.86 19.63 -18.57
N LYS A 276 -4.18 19.83 -18.46
CA LYS A 276 -4.89 20.71 -19.38
C LYS A 276 -4.37 22.14 -19.28
N LYS A 277 -4.03 22.60 -18.06
CA LYS A 277 -3.51 23.94 -17.91
C LYS A 277 -2.09 24.07 -18.49
N VAL A 278 -1.27 23.02 -18.36
CA VAL A 278 0.13 23.07 -18.78
C VAL A 278 0.30 22.65 -20.24
N LYS A 279 -0.34 21.56 -20.66
CA LYS A 279 -0.17 21.06 -22.02
C LYS A 279 -1.26 21.50 -22.98
N LYS A 280 -2.40 21.99 -22.47
CA LYS A 280 -3.42 22.65 -23.29
C LYS A 280 -4.07 21.68 -24.26
N ASN A 281 -4.35 20.47 -23.79
CA ASN A 281 -5.11 19.48 -24.54
C ASN A 281 -5.97 18.72 -23.55
N SER A 282 -7.22 18.45 -23.93
CA SER A 282 -8.13 17.66 -23.11
C SER A 282 -7.98 16.16 -23.33
N SER A 283 -7.10 15.74 -24.23
CA SER A 283 -6.92 14.32 -24.49
C SER A 283 -5.54 13.88 -24.00
N PRO A 284 -5.31 13.80 -22.69
CA PRO A 284 -3.99 13.45 -22.20
C PRO A 284 -3.68 11.98 -22.47
N PRO A 285 -2.41 11.62 -22.59
CA PRO A 285 -2.07 10.20 -22.71
C PRO A 285 -2.37 9.47 -21.41
N LEU A 286 -2.81 8.21 -21.52
CA LEU A 286 -3.03 7.41 -20.32
C LEU A 286 -1.76 7.28 -19.48
N SER A 287 -0.60 7.57 -20.06
CA SER A 287 0.63 7.60 -19.27
C SER A 287 0.54 8.60 -18.14
N LEU A 288 -0.27 9.66 -18.30
CA LEU A 288 -0.51 10.61 -17.22
C LEU A 288 -1.01 9.93 -15.96
N TYR A 289 -1.70 8.79 -16.11
CA TYR A 289 -2.41 8.13 -15.03
C TYR A 289 -1.78 6.79 -14.64
N GLY A 290 -0.53 6.53 -15.05
CA GLY A 290 0.07 5.21 -14.86
C GLY A 290 0.00 4.72 -13.42
N GLN A 291 0.36 5.59 -12.47
CA GLN A 291 0.29 5.20 -11.06
C GLN A 291 -1.09 4.68 -10.70
N LEU A 292 -2.13 5.41 -11.10
CA LEU A 292 -3.50 5.02 -10.75
C LEU A 292 -4.00 3.86 -11.58
N LEU A 293 -3.54 3.72 -12.82
CA LEU A 293 -4.12 2.67 -13.66
C LEU A 293 -3.46 1.32 -13.40
N TRP A 294 -2.18 1.30 -13.04
CA TRP A 294 -1.59 0.05 -12.57
C TRP A 294 -2.29 -0.43 -11.31
N ARG A 295 -2.54 0.49 -10.38
CA ARG A 295 -3.28 0.18 -9.17
C ARG A 295 -4.64 -0.39 -9.50
N GLU A 296 -5.38 0.29 -10.38
CA GLU A 296 -6.70 -0.18 -10.80
C GLU A 296 -6.60 -1.55 -11.48
N PHE A 297 -5.55 -1.76 -12.27
CA PHE A 297 -5.33 -3.02 -12.98
C PHE A 297 -5.26 -4.19 -12.01
N PHE A 298 -4.45 -4.06 -10.94
CA PHE A 298 -4.31 -5.15 -9.98
C PHE A 298 -5.58 -5.36 -9.16
N TYR A 299 -6.25 -4.26 -8.73
CA TYR A 299 -7.55 -4.44 -8.06
C TYR A 299 -8.51 -5.22 -8.96
N THR A 300 -8.53 -4.91 -10.25
CA THR A 300 -9.42 -5.62 -11.17
C THR A 300 -9.02 -7.09 -11.27
N ALA A 301 -7.71 -7.35 -11.43
CA ALA A 301 -7.23 -8.73 -11.54
C ALA A 301 -7.58 -9.54 -10.30
N ALA A 302 -7.58 -8.89 -9.13
CA ALA A 302 -7.69 -9.61 -7.87
C ALA A 302 -9.12 -9.85 -7.40
N THR A 303 -10.08 -8.99 -7.80
CA THR A 303 -11.36 -8.93 -7.09
C THR A 303 -12.12 -10.27 -7.13
N ASN A 304 -12.03 -11.01 -8.25
CA ASN A 304 -12.75 -12.26 -8.38
C ASN A 304 -11.85 -13.50 -8.21
N ASN A 305 -10.67 -13.33 -7.64
CA ASN A 305 -9.70 -14.43 -7.51
C ASN A 305 -9.30 -14.54 -6.05
N PRO A 306 -10.01 -15.35 -5.25
CA PRO A 306 -9.66 -15.43 -3.83
C PRO A 306 -8.35 -16.15 -3.56
N ARG A 307 -7.69 -16.71 -4.58
CA ARG A 307 -6.35 -17.26 -4.41
C ARG A 307 -5.28 -16.37 -5.05
N PHE A 308 -5.59 -15.08 -5.20
CA PHE A 308 -4.70 -14.16 -5.91
C PHE A 308 -3.33 -14.06 -5.26
N ASP A 309 -3.27 -14.21 -3.93
CA ASP A 309 -2.03 -14.11 -3.17
C ASP A 309 -1.34 -15.46 -2.96
N LYS A 310 -1.69 -16.47 -3.76
CA LYS A 310 -1.16 -17.82 -3.63
C LYS A 310 -0.60 -18.27 -4.98
N MET A 311 0.32 -19.23 -4.92
CA MET A 311 0.74 -19.87 -6.16
C MET A 311 -0.17 -21.04 -6.51
N GLU A 312 -0.22 -22.06 -5.66
CA GLU A 312 -1.05 -23.22 -5.95
C GLU A 312 -2.52 -22.85 -5.91
N GLY A 313 -3.28 -23.35 -6.90
CA GLY A 313 -4.69 -23.05 -7.02
C GLY A 313 -5.00 -21.66 -7.57
N ASN A 314 -3.99 -20.89 -7.94
CA ASN A 314 -4.20 -19.60 -8.54
C ASN A 314 -4.12 -19.75 -10.05
N PRO A 315 -5.25 -19.63 -10.78
CA PRO A 315 -5.24 -19.95 -12.22
C PRO A 315 -4.34 -19.08 -13.07
N ILE A 316 -4.00 -17.87 -12.63
CA ILE A 316 -3.19 -16.98 -13.46
C ILE A 316 -1.71 -17.05 -13.11
N CYS A 317 -1.31 -17.90 -12.16
CA CYS A 317 0.06 -17.93 -11.68
C CYS A 317 0.79 -19.14 -12.27
N VAL A 318 1.98 -18.91 -12.82
CA VAL A 318 2.84 -20.02 -13.24
C VAL A 318 3.28 -20.80 -12.01
N GLN A 319 3.23 -22.13 -12.11
CA GLN A 319 3.56 -23.05 -11.02
C GLN A 319 5.07 -23.28 -11.07
N ILE A 320 5.82 -22.45 -10.35
CA ILE A 320 7.29 -22.49 -10.41
C ILE A 320 7.79 -23.24 -9.18
N PRO A 321 8.74 -24.20 -9.33
CA PRO A 321 9.22 -24.94 -8.15
C PRO A 321 10.26 -24.14 -7.37
N TRP A 322 9.76 -23.22 -6.56
CA TRP A 322 10.60 -22.39 -5.71
C TRP A 322 11.30 -23.23 -4.64
N ASP A 323 12.45 -22.73 -4.17
CA ASP A 323 13.12 -23.32 -3.02
C ASP A 323 12.36 -22.97 -1.75
N LYS A 324 12.46 -23.85 -0.75
CA LYS A 324 11.99 -23.56 0.60
C LYS A 324 13.24 -23.42 1.47
N ASN A 325 13.47 -22.20 1.98
CA ASN A 325 14.72 -21.88 2.66
C ASN A 325 14.45 -20.80 3.70
N PRO A 326 13.94 -21.18 4.87
CA PRO A 326 13.56 -20.16 5.87
C PRO A 326 14.75 -19.32 6.31
N GLU A 327 15.94 -19.91 6.34
CA GLU A 327 17.11 -19.17 6.83
C GLU A 327 17.50 -18.07 5.85
N ALA A 328 17.51 -18.38 4.55
CA ALA A 328 17.79 -17.36 3.56
C ALA A 328 16.67 -16.33 3.52
N LEU A 329 15.42 -16.76 3.66
CA LEU A 329 14.29 -15.83 3.71
C LEU A 329 14.47 -14.81 4.84
N ALA A 330 14.82 -15.29 6.04
CA ALA A 330 14.96 -14.36 7.17
C ALA A 330 16.13 -13.41 6.97
N LYS A 331 17.24 -13.89 6.41
CA LYS A 331 18.35 -12.99 6.07
C LYS A 331 17.88 -11.87 5.16
N TRP A 332 17.13 -12.22 4.11
CA TRP A 332 16.59 -11.21 3.19
C TRP A 332 15.63 -10.28 3.91
N ALA A 333 14.74 -10.82 4.74
CA ALA A 333 13.71 -9.99 5.34
C ALA A 333 14.29 -9.03 6.36
N GLU A 334 15.37 -9.42 7.01
CA GLU A 334 15.99 -8.67 8.08
C GLU A 334 17.16 -7.82 7.59
N GLY A 335 17.42 -7.81 6.30
CA GLY A 335 18.52 -7.01 5.79
C GLY A 335 19.88 -7.49 6.24
N ARG A 336 20.11 -8.80 6.22
CA ARG A 336 21.38 -9.42 6.56
C ARG A 336 21.94 -10.25 5.41
N THR A 337 21.70 -9.85 4.17
CA THR A 337 22.18 -10.63 3.03
C THR A 337 23.67 -10.49 2.77
N GLY A 338 24.34 -9.53 3.41
CA GLY A 338 25.72 -9.26 3.09
C GLY A 338 25.93 -8.48 1.82
N PHE A 339 24.85 -8.17 1.08
CA PHE A 339 24.87 -7.23 -0.04
C PHE A 339 24.38 -5.86 0.46
N PRO A 340 25.27 -4.89 0.64
CA PRO A 340 24.84 -3.61 1.23
C PRO A 340 23.65 -2.94 0.52
N TRP A 341 23.60 -2.98 -0.82
CA TRP A 341 22.47 -2.39 -1.54
C TRP A 341 21.16 -3.04 -1.12
N ILE A 342 21.13 -4.37 -1.12
CA ILE A 342 19.93 -5.09 -0.69
C ILE A 342 19.61 -4.79 0.78
N ASP A 343 20.63 -4.84 1.64
CA ASP A 343 20.38 -4.70 3.06
C ASP A 343 19.96 -3.28 3.42
N ALA A 344 20.53 -2.28 2.73
CA ALA A 344 20.12 -0.90 2.94
C ALA A 344 18.66 -0.69 2.54
N ILE A 345 18.25 -1.27 1.40
CA ILE A 345 16.86 -1.14 0.98
C ILE A 345 15.93 -1.78 2.01
N MET A 346 16.22 -3.03 2.41
CA MET A 346 15.36 -3.70 3.38
C MET A 346 15.37 -2.99 4.73
N THR A 347 16.47 -2.31 5.07
CA THR A 347 16.50 -1.56 6.32
C THR A 347 15.63 -0.30 6.22
N GLN A 348 15.74 0.44 5.12
CA GLN A 348 14.85 1.58 4.93
C GLN A 348 13.38 1.14 4.97
N LEU A 349 13.05 0.03 4.30
CA LEU A 349 11.67 -0.46 4.34
C LEU A 349 11.23 -0.73 5.77
N ARG A 350 12.07 -1.45 6.53
CA ARG A 350 11.74 -1.81 7.90
C ARG A 350 11.59 -0.56 8.77
N GLN A 351 12.52 0.40 8.63
CA GLN A 351 12.50 1.59 9.49
C GLN A 351 11.40 2.56 9.11
N GLU A 352 11.08 2.71 7.82
CA GLU A 352 10.21 3.80 7.39
C GLU A 352 8.89 3.39 6.76
N GLY A 353 8.79 2.19 6.18
CA GLY A 353 7.55 1.75 5.56
C GLY A 353 7.42 2.06 4.09
N TRP A 354 8.46 2.62 3.45
CA TRP A 354 8.40 2.92 2.03
C TRP A 354 9.80 2.81 1.43
N ILE A 355 9.86 2.23 0.24
CA ILE A 355 11.05 2.22 -0.61
C ILE A 355 10.62 2.48 -2.05
N HIS A 356 11.55 3.00 -2.85
CA HIS A 356 11.27 3.34 -4.23
C HIS A 356 10.94 2.07 -5.01
N HIS A 357 10.07 2.20 -6.01
CA HIS A 357 9.64 1.00 -6.75
C HIS A 357 10.80 0.25 -7.40
N LEU A 358 11.82 0.95 -7.91
CA LEU A 358 12.95 0.20 -8.49
C LEU A 358 13.79 -0.46 -7.39
N ALA A 359 13.78 0.08 -6.18
CA ALA A 359 14.36 -0.63 -5.05
C ALA A 359 13.55 -1.88 -4.73
N ARG A 360 12.22 -1.80 -4.86
CA ARG A 360 11.39 -2.99 -4.71
C ARG A 360 11.77 -4.03 -5.74
N HIS A 361 11.90 -3.63 -7.02
CA HIS A 361 12.30 -4.57 -8.08
C HIS A 361 13.59 -5.28 -7.70
N ALA A 362 14.56 -4.53 -7.14
CA ALA A 362 15.86 -5.11 -6.82
C ALA A 362 15.75 -6.18 -5.74
N VAL A 363 15.09 -5.86 -4.62
CA VAL A 363 15.02 -6.85 -3.53
C VAL A 363 14.09 -8.00 -3.88
N ALA A 364 13.06 -7.76 -4.70
CA ALA A 364 12.18 -8.84 -5.15
C ALA A 364 12.90 -9.77 -6.12
N CYS A 365 13.64 -9.21 -7.08
CA CYS A 365 14.41 -10.05 -8.00
C CYS A 365 15.44 -10.86 -7.22
N PHE A 366 16.09 -10.22 -6.24
CA PHE A 366 17.09 -10.92 -5.43
C PHE A 366 16.48 -12.11 -4.72
N LEU A 367 15.31 -11.92 -4.10
CA LEU A 367 14.67 -13.00 -3.36
C LEU A 367 14.18 -14.10 -4.28
N THR A 368 13.62 -13.72 -5.44
CA THR A 368 12.91 -14.70 -6.27
C THR A 368 13.75 -15.17 -7.45
N ARG A 369 13.49 -14.64 -8.65
CA ARG A 369 14.09 -15.20 -9.87
C ARG A 369 15.58 -14.89 -10.03
N GLY A 370 16.12 -13.98 -9.23
CA GLY A 370 17.50 -13.57 -9.44
C GLY A 370 18.51 -14.37 -8.65
N ASP A 371 18.39 -14.41 -7.32
CA ASP A 371 19.45 -14.97 -6.48
C ASP A 371 19.01 -16.11 -5.58
N LEU A 372 17.93 -15.96 -4.81
CA LEU A 372 17.61 -16.94 -3.78
C LEU A 372 16.57 -17.98 -4.20
N TRP A 373 15.82 -17.76 -5.27
CA TRP A 373 14.83 -18.73 -5.76
C TRP A 373 13.82 -19.10 -4.67
N ILE A 374 13.43 -18.11 -3.88
CA ILE A 374 12.41 -18.30 -2.85
C ILE A 374 11.09 -17.77 -3.40
N SER A 375 9.99 -18.37 -2.95
CA SER A 375 8.69 -18.04 -3.52
C SER A 375 8.34 -16.57 -3.31
N TRP A 376 7.78 -15.95 -4.36
CA TRP A 376 7.24 -14.61 -4.24
C TRP A 376 6.20 -14.51 -3.12
N GLU A 377 5.54 -15.63 -2.78
CA GLU A 377 4.58 -15.59 -1.68
C GLU A 377 5.24 -15.16 -0.39
N GLU A 378 6.50 -15.55 -0.19
CA GLU A 378 7.21 -15.21 1.03
C GLU A 378 7.62 -13.75 1.05
N GLY A 379 8.09 -13.23 -0.09
CA GLY A 379 8.40 -11.82 -0.17
C GLY A 379 7.17 -10.97 0.02
N MET A 380 6.04 -11.41 -0.55
CA MET A 380 4.80 -10.67 -0.39
C MET A 380 4.43 -10.52 1.08
N LYS A 381 4.52 -11.60 1.87
CA LYS A 381 4.16 -11.52 3.28
C LYS A 381 5.06 -10.53 4.03
N VAL A 382 6.33 -10.47 3.67
CA VAL A 382 7.23 -9.49 4.30
C VAL A 382 6.83 -8.07 3.96
N PHE A 383 6.63 -7.78 2.67
CA PHE A 383 6.14 -6.46 2.27
C PHE A 383 4.81 -6.13 2.94
N GLU A 384 3.94 -7.13 3.10
CA GLU A 384 2.66 -6.89 3.77
C GLU A 384 2.85 -6.36 5.18
N GLU A 385 3.86 -6.89 5.90
CA GLU A 385 4.09 -6.43 7.27
C GLU A 385 4.68 -5.04 7.31
N LEU A 386 5.52 -4.69 6.32
CA LEU A 386 6.39 -3.53 6.44
C LEU A 386 6.00 -2.37 5.54
N LEU A 387 5.36 -2.63 4.40
CA LEU A 387 5.17 -1.62 3.37
C LEU A 387 3.85 -0.90 3.61
N LEU A 388 3.90 0.42 3.62
CA LEU A 388 2.70 1.20 3.92
C LEU A 388 1.71 1.24 2.76
N ASP A 389 2.18 1.16 1.51
CA ASP A 389 1.32 1.45 0.37
C ASP A 389 0.85 0.22 -0.41
N ALA A 390 1.11 -0.99 0.07
CA ALA A 390 0.80 -2.19 -0.72
C ALA A 390 -0.25 -3.03 -0.01
N ASP A 391 -1.49 -2.94 -0.45
CA ASP A 391 -2.49 -3.80 0.14
C ASP A 391 -2.54 -5.14 -0.61
N TRP A 392 -3.49 -5.97 -0.20
CA TRP A 392 -3.51 -7.37 -0.62
C TRP A 392 -3.41 -7.52 -2.15
N SER A 393 -4.21 -6.75 -2.90
CA SER A 393 -4.25 -6.92 -4.35
C SER A 393 -2.98 -6.41 -5.02
N ILE A 394 -2.51 -5.22 -4.63
CA ILE A 394 -1.35 -4.63 -5.28
C ILE A 394 -0.11 -5.46 -4.97
N ASN A 395 0.05 -5.83 -3.71
CA ASN A 395 1.23 -6.56 -3.25
C ASN A 395 1.32 -7.91 -3.97
N ALA A 396 0.23 -8.68 -3.98
CA ALA A 396 0.24 -9.97 -4.69
C ALA A 396 0.54 -9.79 -6.17
N GLY A 397 -0.18 -8.87 -6.83
CA GLY A 397 0.02 -8.68 -8.26
C GLY A 397 1.44 -8.27 -8.59
N SER A 398 2.01 -7.35 -7.80
CA SER A 398 3.36 -6.87 -8.06
C SER A 398 4.38 -7.98 -7.86
N TRP A 399 4.16 -8.87 -6.89
CA TRP A 399 5.12 -9.93 -6.62
C TRP A 399 5.05 -11.01 -7.68
N MET A 400 3.86 -11.32 -8.18
CA MET A 400 3.76 -12.24 -9.31
C MET A 400 4.41 -11.64 -10.55
N TRP A 401 4.17 -10.35 -10.77
CA TRP A 401 4.73 -9.67 -11.94
C TRP A 401 6.25 -9.72 -11.92
N LEU A 402 6.87 -9.32 -10.80
CA LEU A 402 8.32 -9.27 -10.68
C LEU A 402 8.97 -10.63 -10.77
N SER A 403 8.32 -11.66 -10.24
CA SER A 403 8.92 -12.99 -10.18
C SER A 403 8.72 -13.79 -11.47
N CYS A 404 8.11 -13.19 -12.50
CA CYS A 404 7.77 -13.84 -13.77
C CYS A 404 6.69 -14.92 -13.58
N SER A 405 5.79 -14.70 -12.62
CA SER A 405 4.79 -15.70 -12.29
C SER A 405 3.45 -15.43 -12.95
N SER A 406 3.22 -14.20 -13.40
CA SER A 406 2.00 -13.84 -14.12
C SER A 406 2.21 -12.46 -14.74
N PHE A 407 1.28 -12.07 -15.61
CA PHE A 407 1.33 -10.77 -16.31
C PHE A 407 2.58 -10.62 -17.18
N CYS A 414 17.46 -9.28 -14.81
CA CYS A 414 18.08 -9.65 -13.53
C CYS A 414 18.93 -8.52 -12.93
N TYR A 415 18.44 -7.95 -11.84
CA TYR A 415 19.15 -6.88 -11.17
C TYR A 415 20.41 -7.41 -10.48
N CYS A 416 21.49 -6.63 -10.56
CA CYS A 416 22.73 -7.01 -9.88
C CYS A 416 22.75 -6.35 -8.50
N PRO A 417 22.81 -7.12 -7.41
CA PRO A 417 22.75 -6.53 -6.07
C PRO A 417 23.98 -5.70 -5.71
N VAL A 418 24.96 -5.58 -6.60
CA VAL A 418 26.12 -4.70 -6.42
C VAL A 418 26.05 -3.52 -7.39
N GLY A 419 26.00 -3.81 -8.70
CA GLY A 419 26.11 -2.76 -9.71
C GLY A 419 24.92 -1.82 -9.77
N PHE A 420 23.72 -2.31 -9.48
CA PHE A 420 22.56 -1.42 -9.47
C PHE A 420 22.76 -0.30 -8.47
N GLY A 421 23.11 -0.64 -7.23
CA GLY A 421 23.36 0.40 -6.24
C GLY A 421 24.52 1.28 -6.63
N ARG A 422 25.60 0.68 -7.15
CA ARG A 422 26.77 1.45 -7.52
C ARG A 422 26.46 2.42 -8.66
N ARG A 423 25.61 2.01 -9.59
CA ARG A 423 25.21 2.91 -10.66
C ARG A 423 24.22 3.96 -10.19
N THR A 424 23.43 3.63 -9.17
CA THR A 424 22.43 4.56 -8.69
C THR A 424 23.05 5.63 -7.79
N ASP A 425 24.01 5.24 -6.96
CA ASP A 425 24.56 6.12 -5.93
C ASP A 425 26.03 5.75 -5.74
N PRO A 426 26.88 6.18 -6.67
CA PRO A 426 28.27 5.67 -6.65
C PRO A 426 29.05 6.05 -5.42
N ASN A 427 28.75 7.18 -4.78
CA ASN A 427 29.45 7.58 -3.56
C ASN A 427 28.98 6.78 -2.34
N GLY A 428 27.87 6.06 -2.45
CA GLY A 428 27.42 5.15 -1.41
C GLY A 428 26.71 5.80 -0.23
N ASP A 429 26.23 7.03 -0.38
CA ASP A 429 25.59 7.73 0.73
C ASP A 429 24.30 7.05 1.18
N TYR A 430 23.58 6.43 0.24
CA TYR A 430 22.39 5.67 0.62
C TYR A 430 22.75 4.53 1.56
N ILE A 431 23.81 3.79 1.24
CA ILE A 431 24.32 2.72 2.10
C ILE A 431 24.68 3.28 3.48
N ARG A 432 25.42 4.39 3.51
CA ARG A 432 25.88 4.95 4.77
C ARG A 432 24.71 5.45 5.63
N ARG A 433 23.64 5.94 5.01
CA ARG A 433 22.49 6.39 5.79
C ARG A 433 21.81 5.23 6.51
N TYR A 434 21.67 4.08 5.85
CA TYR A 434 20.88 3.02 6.46
C TYR A 434 21.72 1.91 7.09
N LEU A 435 23.01 1.78 6.73
CA LEU A 435 23.90 0.76 7.28
C LEU A 435 25.10 1.47 7.92
N PRO A 436 24.92 2.03 9.12
CA PRO A 436 26.03 2.75 9.75
C PRO A 436 27.29 1.93 9.90
N VAL A 437 27.19 0.62 10.16
CA VAL A 437 28.39 -0.20 10.38
C VAL A 437 29.35 -0.13 9.20
N LEU A 438 28.87 0.26 8.02
CA LEU A 438 29.66 0.34 6.80
C LEU A 438 30.16 1.74 6.48
N ARG A 439 29.94 2.72 7.36
CA ARG A 439 30.26 4.10 6.97
C ARG A 439 31.76 4.31 6.75
N GLY A 440 32.60 3.53 7.43
CA GLY A 440 34.04 3.67 7.26
C GLY A 440 34.55 3.24 5.89
N PHE A 441 33.78 2.48 5.13
CA PHE A 441 34.30 1.96 3.87
C PHE A 441 34.35 3.06 2.82
N PRO A 442 35.40 3.09 2.00
CA PRO A 442 35.42 4.01 0.85
C PRO A 442 34.45 3.57 -0.23
N ALA A 443 34.13 4.52 -1.11
CA ALA A 443 33.20 4.25 -2.20
C ALA A 443 33.61 3.04 -3.03
N LYS A 444 34.91 2.84 -3.21
CA LYS A 444 35.40 1.75 -4.05
C LYS A 444 34.92 0.40 -3.53
N TYR A 445 34.60 0.30 -2.24
CA TYR A 445 34.26 -0.97 -1.64
C TYR A 445 32.90 -0.98 -0.93
N ILE A 446 32.16 0.13 -0.95
CA ILE A 446 30.97 0.25 -0.11
C ILE A 446 29.85 -0.68 -0.59
N TYR A 447 29.76 -0.97 -1.89
CA TYR A 447 28.76 -1.89 -2.41
C TYR A 447 29.25 -3.33 -2.44
N ASP A 448 30.55 -3.57 -2.26
CA ASP A 448 31.09 -4.93 -2.25
C ASP A 448 32.19 -5.01 -1.19
N PRO A 449 31.82 -4.90 0.09
CA PRO A 449 32.85 -4.76 1.13
C PRO A 449 33.69 -6.00 1.32
N TRP A 450 33.18 -7.18 0.94
CA TRP A 450 34.01 -8.38 0.96
C TRP A 450 35.27 -8.24 0.08
N ASN A 451 35.26 -7.31 -0.88
CA ASN A 451 36.40 -7.09 -1.76
C ASN A 451 37.45 -6.17 -1.16
N ALA A 452 37.16 -5.51 -0.05
CA ALA A 452 38.12 -4.59 0.53
C ALA A 452 39.28 -5.36 1.17
N PRO A 453 40.52 -4.91 0.99
CA PRO A 453 41.66 -5.53 1.69
C PRO A 453 41.43 -5.56 3.20
N GLU A 454 42.04 -6.54 3.86
CA GLU A 454 41.92 -6.65 5.32
C GLU A 454 42.34 -5.35 6.00
N GLY A 455 43.25 -4.60 5.39
CA GLY A 455 43.63 -3.30 5.96
C GLY A 455 42.50 -2.29 5.93
N ILE A 456 41.79 -2.19 4.79
CA ILE A 456 40.67 -1.26 4.67
C ILE A 456 39.54 -1.66 5.60
N GLN A 457 39.27 -2.97 5.70
CA GLN A 457 38.25 -3.45 6.63
C GLN A 457 38.56 -3.04 8.07
N LYS A 458 39.83 -3.15 8.48
CA LYS A 458 40.19 -2.82 9.86
C LYS A 458 40.07 -1.32 10.10
N VAL A 459 40.58 -0.50 9.15
CA VAL A 459 40.45 0.95 9.24
C VAL A 459 38.98 1.36 9.28
N ALA A 460 38.13 0.66 8.53
CA ALA A 460 36.70 0.95 8.54
C ALA A 460 36.00 0.43 9.79
N LYS A 461 36.73 -0.24 10.69
CA LYS A 461 36.18 -0.81 11.93
C LYS A 461 35.01 -1.75 11.65
N CYS A 462 35.17 -2.58 10.62
CA CYS A 462 34.08 -3.46 10.18
C CYS A 462 34.70 -4.64 9.45
N LEU A 463 34.90 -5.74 10.18
CA LEU A 463 35.42 -6.96 9.57
C LEU A 463 34.25 -7.74 8.96
N ILE A 464 34.33 -7.98 7.65
CA ILE A 464 33.26 -8.71 6.97
C ILE A 464 33.25 -10.15 7.48
N GLY A 465 32.10 -10.61 7.95
CA GLY A 465 31.98 -11.86 8.67
C GLY A 465 31.84 -11.69 10.17
N VAL A 466 32.26 -10.54 10.71
CA VAL A 466 32.15 -10.25 12.14
C VAL A 466 31.09 -9.17 12.35
N ASN A 467 31.40 -7.94 11.92
CA ASN A 467 30.55 -6.78 12.16
C ASN A 467 29.45 -6.63 11.13
N TYR A 468 29.65 -7.16 9.93
CA TYR A 468 28.67 -7.15 8.87
C TYR A 468 28.83 -8.48 8.14
N PRO A 469 27.73 -9.14 7.77
CA PRO A 469 27.84 -10.50 7.24
C PRO A 469 28.44 -10.51 5.84
N LYS A 470 29.06 -11.66 5.52
CA LYS A 470 29.49 -11.96 4.16
C LYS A 470 28.29 -12.07 3.23
N PRO A 471 28.49 -11.84 1.93
CA PRO A 471 27.37 -11.99 0.99
C PRO A 471 26.87 -13.43 1.02
N MET A 472 25.54 -13.59 1.04
CA MET A 472 24.92 -14.88 1.31
C MET A 472 24.92 -15.82 0.10
N VAL A 473 25.14 -15.29 -1.11
CA VAL A 473 25.28 -16.09 -2.33
C VAL A 473 26.40 -15.45 -3.13
N ASN A 474 26.98 -16.24 -4.02
CA ASN A 474 27.71 -15.65 -5.12
C ASN A 474 26.71 -15.24 -6.18
N HIS A 475 26.61 -13.94 -6.46
CA HIS A 475 25.58 -13.48 -7.37
C HIS A 475 25.76 -14.08 -8.76
N ALA A 476 26.99 -14.06 -9.28
CA ALA A 476 27.23 -14.54 -10.64
C ALA A 476 26.82 -15.99 -10.80
N GLU A 477 27.19 -16.84 -9.84
CA GLU A 477 26.80 -18.25 -9.93
C GLU A 477 25.29 -18.40 -9.74
N ALA A 478 24.70 -17.72 -8.73
CA ALA A 478 23.29 -17.89 -8.44
C ALA A 478 22.41 -17.37 -9.58
N SER A 479 22.72 -16.19 -10.09
CA SER A 479 21.92 -15.63 -11.17
C SER A 479 22.05 -16.46 -12.44
N ARG A 480 23.24 -17.01 -12.69
CA ARG A 480 23.44 -17.84 -13.88
C ARG A 480 22.56 -19.08 -13.81
N LEU A 481 22.53 -19.75 -12.65
CA LEU A 481 21.64 -20.89 -12.47
C LEU A 481 20.17 -20.49 -12.57
N ASN A 482 19.79 -19.39 -11.94
CA ASN A 482 18.37 -19.04 -11.91
C ASN A 482 17.90 -18.49 -13.25
N ILE A 483 18.78 -17.79 -14.00
CA ILE A 483 18.41 -17.31 -15.33
C ILE A 483 18.17 -18.48 -16.26
N GLU A 484 18.97 -19.55 -16.12
CA GLU A 484 18.74 -20.75 -16.91
C GLU A 484 17.46 -21.48 -16.47
N ARG A 485 17.17 -21.48 -15.17
CA ARG A 485 15.93 -22.07 -14.71
C ARG A 485 14.72 -21.39 -15.35
N MET A 486 14.70 -20.06 -15.32
CA MET A 486 13.56 -19.31 -15.84
C MET A 486 13.47 -19.42 -17.35
N LYS A 487 14.61 -19.46 -18.05
CA LYS A 487 14.56 -19.64 -19.50
C LYS A 487 13.96 -21.00 -19.85
N GLN A 488 14.35 -22.04 -19.11
CA GLN A 488 13.82 -23.38 -19.39
C GLN A 488 12.36 -23.49 -19.02
N ILE A 489 11.94 -22.85 -17.92
CA ILE A 489 10.53 -22.84 -17.53
C ILE A 489 9.69 -22.23 -18.63
N TYR A 490 10.08 -21.05 -19.12
CA TYR A 490 9.31 -20.39 -20.17
C TYR A 490 9.44 -21.10 -21.52
N GLN A 491 10.57 -21.76 -21.79
CA GLN A 491 10.69 -22.58 -23.00
C GLN A 491 9.69 -23.73 -22.99
N GLN A 492 9.17 -24.09 -21.82
CA GLN A 492 8.14 -25.12 -21.65
C GLN A 492 7.02 -24.58 -20.79
N LEU A 493 6.53 -23.37 -21.11
CA LEU A 493 5.65 -22.64 -20.20
C LEU A 493 4.33 -23.39 -19.96
N SER A 494 3.81 -24.05 -20.99
CA SER A 494 2.57 -24.80 -20.84
C SER A 494 2.69 -25.92 -19.82
N ARG A 495 3.90 -26.46 -19.65
CA ARG A 495 4.13 -27.46 -18.61
C ARG A 495 3.91 -26.88 -17.21
N TYR A 496 4.08 -25.58 -17.05
CA TYR A 496 4.05 -24.98 -15.72
C TYR A 496 2.75 -24.21 -15.51
C10 6I3 B . 7.12 0.27 -11.66
C17 6I3 B . 2.71 -0.50 -10.35
C20 6I3 B . 0.94 0.10 -8.28
C21 6I3 B . 1.47 1.13 -9.02
C24 6I3 B . 5.59 -2.31 -6.34
C26 6I3 B . 3.43 -1.35 -5.94
C01 6I3 B . 7.85 -6.44 -5.42
C03 6I3 B . 6.64 -4.49 -5.87
C04 6I3 B . 7.17 -4.49 -7.17
C05 6I3 B . 6.91 -3.42 -8.03
C06 6I3 B . 6.13 -2.31 -7.65
C07 6I3 B . 5.92 -1.22 -8.61
C12 6I3 B . 6.73 1.45 -12.62
C14 6I3 B . 3.79 0.89 -11.81
C16 6I3 B . 2.38 0.85 -10.08
C18 6I3 B . 2.17 -1.55 -9.59
C19 6I3 B . 1.29 -1.26 -8.58
C23 6I3 B . 4.23 -1.60 -12.07
C27 6I3 B . 5.84 -3.40 -5.44
C29 6I3 B . 4.38 -4.35 -3.75
N08 6I3 B . 6.77 -0.81 -9.51
N09 6I3 B . 6.49 0.19 -10.35
N15 6I3 B . 3.07 1.71 -11.00
N22 6I3 B . 3.61 -0.48 -11.45
O02 6I3 B . 6.87 -5.52 -5.00
O11 6I3 B . 7.91 -0.55 -12.00
O25 6I3 B . 4.85 -1.26 -5.92
O28 6I3 B . 5.31 -3.32 -4.19
S13 6I3 B . 4.91 1.32 -13.17
#